data_5UF3
#
_entry.id   5UF3
#
_entity_poly.entity_id   1
_entity_poly.type   'polyribonucleotide'
_entity_poly.pdbx_seq_one_letter_code
;GGACAUAAGGAAAACCUAUGUCC
;
_entity_poly.pdbx_strand_id   A
#
loop_
_chem_comp.id
_chem_comp.type
_chem_comp.name
_chem_comp.formula
A RNA linking ADENOSINE-5'-MONOPHOSPHATE 'C10 H14 N5 O7 P'
C RNA linking CYTIDINE-5'-MONOPHOSPHATE 'C9 H14 N3 O8 P'
G RNA linking GUANOSINE-5'-MONOPHOSPHATE 'C10 H14 N5 O8 P'
U RNA linking URIDINE-5'-MONOPHOSPHATE 'C9 H13 N2 O9 P'
#